data_1BS8
#
_entry.id   1BS8
#
_cell.length_a   143.100
_cell.length_b   64.200
_cell.length_c   84.700
_cell.angle_alpha   90.00
_cell.angle_beta   123.30
_cell.angle_gamma   90.00
#
_symmetry.space_group_name_H-M   'C 1 2 1'
#
loop_
_entity.id
_entity.type
_entity.pdbx_description
1 polymer 'PROTEIN (PEPTIDE DEFORMYLASE)'
2 polymer 'PROTEIN (MET-ALA-SER)'
3 non-polymer 'ZINC ION'
4 non-polymer 'SULFATE ION'
5 water water
#
loop_
_entity_poly.entity_id
_entity_poly.type
_entity_poly.pdbx_seq_one_letter_code
_entity_poly.pdbx_strand_id
1 'polypeptide(L)'
;SVLQVLHIPDERLRKVAKPVEEVNAEIQRIVDDMFETMYAEEGIGLAATQVDIHQRIIVIDVSENRDERLVLINPELLEK
SGETGIEEGCLSIPEQRALVPRAEKVKIRALDRDGKPFELEADGLLAICIQHEMDHLVGKLFMDYLSPLKQQRIRQKVEK
LDRLKARA
;
A,B,C
2 'polypeptide(L)' MAS D,E,F
#
loop_
_chem_comp.id
_chem_comp.type
_chem_comp.name
_chem_comp.formula
SO4 non-polymer 'SULFATE ION' 'O4 S -2'
ZN non-polymer 'ZINC ION' 'Zn 2'
#
# COMPACT_ATOMS: atom_id res chain seq x y z
N SER A 1 -28.35 9.31 -12.54
CA SER A 1 -28.55 8.09 -13.37
C SER A 1 -28.88 6.89 -12.48
N VAL A 2 -29.70 6.00 -13.01
CA VAL A 2 -29.93 4.72 -12.39
C VAL A 2 -28.90 3.72 -12.89
N LEU A 3 -28.22 3.09 -11.93
CA LEU A 3 -27.18 2.11 -12.21
C LEU A 3 -27.77 0.70 -12.26
N GLN A 4 -27.13 -0.17 -13.04
CA GLN A 4 -27.51 -1.58 -13.06
C GLN A 4 -27.07 -2.23 -11.77
N VAL A 5 -28.02 -2.86 -11.08
CA VAL A 5 -27.75 -3.69 -9.90
C VAL A 5 -27.38 -5.10 -10.33
N LEU A 6 -26.23 -5.59 -9.87
CA LEU A 6 -25.81 -6.96 -10.11
C LEU A 6 -26.67 -7.92 -9.29
N HIS A 7 -27.00 -9.06 -9.89
CA HIS A 7 -27.69 -10.16 -9.18
C HIS A 7 -26.77 -11.37 -9.01
N ILE A 8 -27.11 -12.27 -8.09
CA ILE A 8 -26.41 -13.54 -8.06
C ILE A 8 -26.80 -14.33 -9.31
N PRO A 9 -25.86 -15.09 -9.90
CA PRO A 9 -24.58 -15.52 -9.31
C PRO A 9 -23.33 -14.71 -9.69
N ASP A 10 -23.49 -13.46 -10.11
CA ASP A 10 -22.36 -12.60 -10.39
C ASP A 10 -21.23 -12.71 -9.35
N GLU A 11 -19.99 -12.85 -9.82
CA GLU A 11 -18.86 -13.04 -8.92
C GLU A 11 -18.36 -11.72 -8.35
N ARG A 12 -18.80 -10.61 -8.94
CA ARG A 12 -18.36 -9.28 -8.52
C ARG A 12 -19.04 -8.88 -7.21
N LEU A 13 -20.13 -9.56 -6.90
CA LEU A 13 -20.80 -9.41 -5.63
C LEU A 13 -19.93 -9.88 -4.47
N ARG A 14 -18.89 -10.67 -4.79
CA ARG A 14 -18.03 -11.22 -3.75
C ARG A 14 -16.70 -10.47 -3.60
N LYS A 15 -16.57 -9.34 -4.28
CA LYS A 15 -15.37 -8.50 -4.17
C LYS A 15 -15.41 -7.63 -2.93
N VAL A 16 -14.23 -7.43 -2.35
CA VAL A 16 -14.05 -6.60 -1.18
C VAL A 16 -13.83 -5.20 -1.68
N ALA A 17 -14.50 -4.25 -1.04
CA ALA A 17 -14.42 -2.86 -1.47
C ALA A 17 -13.20 -2.20 -0.84
N LYS A 18 -12.60 -1.27 -1.57
CA LYS A 18 -11.50 -0.45 -1.06
C LYS A 18 -12.07 0.81 -0.42
N PRO A 19 -11.36 1.36 0.58
CA PRO A 19 -11.90 2.58 1.19
C PRO A 19 -11.77 3.79 0.27
N VAL A 20 -12.73 4.72 0.40
CA VAL A 20 -12.70 6.00 -0.32
C VAL A 20 -11.50 6.85 0.16
N GLU A 21 -10.61 7.16 -0.78
CA GLU A 21 -9.43 7.97 -0.48
C GLU A 21 -9.82 9.42 -0.21
N GLU A 22 -10.69 9.96 -1.06
CA GLU A 22 -11.11 11.34 -0.92
C GLU A 22 -12.56 11.54 -1.35
N VAL A 23 -13.35 12.17 -0.48
CA VAL A 23 -14.75 12.42 -0.77
C VAL A 23 -14.79 13.70 -1.56
N ASN A 24 -14.74 13.54 -2.88
CA ASN A 24 -14.80 14.67 -3.78
C ASN A 24 -16.08 14.58 -4.61
N ALA A 25 -16.12 15.29 -5.73
CA ALA A 25 -17.34 15.39 -6.52
C ALA A 25 -17.64 14.14 -7.35
N GLU A 26 -16.62 13.34 -7.65
CA GLU A 26 -16.89 12.08 -8.36
C GLU A 26 -17.59 11.15 -7.40
N ILE A 27 -17.17 11.21 -6.13
CA ILE A 27 -17.80 10.41 -5.10
C ILE A 27 -19.24 10.85 -4.89
N GLN A 28 -19.43 12.17 -4.82
CA GLN A 28 -20.76 12.72 -4.59
C GLN A 28 -21.77 12.40 -5.71
N ARG A 29 -21.27 12.22 -6.93
CA ARG A 29 -22.10 11.73 -8.02
C ARG A 29 -22.45 10.24 -7.86
N ILE A 30 -21.49 9.45 -7.35
CA ILE A 30 -21.76 8.05 -7.06
C ILE A 30 -22.88 7.96 -6.04
N VAL A 31 -22.85 8.87 -5.07
CA VAL A 31 -23.88 8.93 -4.05
C VAL A 31 -25.28 9.20 -4.61
N ASP A 32 -25.41 10.13 -5.55
CA ASP A 32 -26.73 10.48 -6.10
C ASP A 32 -27.29 9.40 -7.01
N ASP A 33 -26.42 8.80 -7.81
CA ASP A 33 -26.80 7.65 -8.65
C ASP A 33 -27.24 6.48 -7.77
N MET A 34 -26.54 6.33 -6.65
CA MET A 34 -26.81 5.26 -5.71
C MET A 34 -28.17 5.45 -5.06
N PHE A 35 -28.45 6.68 -4.61
CA PHE A 35 -29.77 7.07 -4.11
C PHE A 35 -30.88 6.90 -5.14
N GLU A 36 -30.64 7.37 -6.36
CA GLU A 36 -31.57 7.21 -7.47
C GLU A 36 -31.87 5.76 -7.77
N THR A 37 -30.81 4.98 -7.83
CA THR A 37 -30.93 3.54 -8.12
C THR A 37 -31.71 2.84 -7.02
N MET A 38 -31.43 3.19 -5.77
CA MET A 38 -32.09 2.57 -4.63
C MET A 38 -33.57 2.88 -4.66
N TYR A 39 -33.92 4.14 -4.89
CA TYR A 39 -35.34 4.52 -4.93
C TYR A 39 -36.07 3.87 -6.11
N ALA A 40 -35.39 3.78 -7.25
CA ALA A 40 -35.97 3.17 -8.43
C ALA A 40 -36.25 1.70 -8.21
N GLU A 41 -35.36 1.05 -7.42
CA GLU A 41 -35.46 -0.39 -7.14
C GLU A 41 -36.39 -0.71 -5.96
N GLU A 42 -36.76 0.33 -5.21
CA GLU A 42 -37.59 0.22 -4.02
C GLU A 42 -36.84 -0.49 -2.90
N GLY A 43 -35.60 -0.06 -2.66
CA GLY A 43 -34.85 -0.55 -1.52
C GLY A 43 -34.82 0.50 -0.44
N ILE A 44 -34.39 0.12 0.76
CA ILE A 44 -34.14 1.09 1.81
C ILE A 44 -32.65 1.31 2.09
N GLY A 45 -31.81 0.48 1.46
CA GLY A 45 -30.36 0.60 1.59
C GLY A 45 -29.74 0.03 0.33
N LEU A 46 -28.51 0.44 0.04
CA LEU A 46 -27.79 -0.01 -1.15
C LEU A 46 -26.29 0.26 -0.94
N ALA A 47 -25.46 -0.72 -1.26
CA ALA A 47 -24.01 -0.55 -1.17
C ALA A 47 -23.35 -0.49 -2.54
N ALA A 48 -22.21 0.19 -2.59
CA ALA A 48 -21.53 0.47 -3.85
C ALA A 48 -21.29 -0.80 -4.65
N THR A 49 -20.99 -1.90 -3.95
CA THR A 49 -20.51 -3.07 -4.63
C THR A 49 -21.59 -3.81 -5.38
N GLN A 50 -22.86 -3.59 -5.02
CA GLN A 50 -23.98 -4.09 -5.82
C GLN A 50 -24.10 -3.40 -7.17
N VAL A 51 -23.60 -2.16 -7.27
CA VAL A 51 -23.58 -1.43 -8.54
C VAL A 51 -22.23 -1.52 -9.29
N ASP A 52 -21.41 -2.48 -8.90
CA ASP A 52 -20.09 -2.73 -9.51
C ASP A 52 -19.11 -1.59 -9.27
N ILE A 53 -19.26 -0.91 -8.13
CA ILE A 53 -18.28 0.09 -7.72
C ILE A 53 -17.71 -0.38 -6.41
N HIS A 54 -16.41 -0.65 -6.38
CA HIS A 54 -15.84 -1.36 -5.26
C HIS A 54 -15.11 -0.43 -4.33
N GLN A 55 -15.95 0.26 -3.58
CA GLN A 55 -15.55 1.29 -2.65
C GLN A 55 -16.55 1.34 -1.50
N ARG A 56 -16.07 1.65 -0.31
CA ARG A 56 -16.89 1.63 0.88
C ARG A 56 -17.82 2.84 1.04
N ILE A 57 -18.90 2.78 0.26
CA ILE A 57 -19.97 3.77 0.28
C ILE A 57 -21.30 3.01 0.42
N ILE A 58 -22.08 3.40 1.42
CA ILE A 58 -23.46 2.92 1.53
C ILE A 58 -24.43 4.11 1.62
N VAL A 59 -25.55 4.01 0.89
CA VAL A 59 -26.71 4.88 1.13
C VAL A 59 -27.90 4.10 1.71
N ILE A 60 -28.70 4.80 2.51
CA ILE A 60 -29.86 4.23 3.17
C ILE A 60 -30.89 5.35 3.32
N ASP A 61 -32.14 5.00 3.21
CA ASP A 61 -33.21 5.92 3.59
C ASP A 61 -34.46 5.11 3.87
N VAL A 62 -34.82 5.08 5.14
CA VAL A 62 -35.95 4.29 5.60
C VAL A 62 -37.22 5.17 5.60
N SER A 63 -37.04 6.47 5.36
CA SER A 63 -38.09 7.46 5.57
C SER A 63 -39.15 7.43 4.50
N GLU A 64 -40.34 7.94 4.83
CA GLU A 64 -41.51 7.80 3.97
C GLU A 64 -41.36 8.53 2.65
N ASN A 65 -40.74 9.70 2.69
CA ASN A 65 -40.68 10.59 1.53
C ASN A 65 -39.32 11.25 1.31
N ARG A 66 -38.24 10.54 1.60
CA ARG A 66 -36.90 10.98 1.22
C ARG A 66 -36.43 12.26 1.89
N ASP A 67 -36.90 12.48 3.10
CA ASP A 67 -36.40 13.59 3.89
C ASP A 67 -35.39 13.07 4.92
N GLU A 68 -35.08 11.78 4.86
CA GLU A 68 -34.11 11.21 5.79
C GLU A 68 -33.11 10.22 5.20
N ARG A 69 -32.53 10.58 4.06
CA ARG A 69 -31.38 9.91 3.45
C ARG A 69 -30.16 9.82 4.37
N LEU A 70 -29.48 8.68 4.34
CA LEU A 70 -28.32 8.45 5.19
C LEU A 70 -27.14 7.93 4.36
N VAL A 71 -26.01 8.62 4.44
CA VAL A 71 -24.77 8.29 3.70
C VAL A 71 -23.67 7.88 4.67
N LEU A 72 -23.12 6.68 4.47
CA LEU A 72 -21.96 6.19 5.23
C LEU A 72 -20.85 5.85 4.27
N ILE A 73 -19.77 6.62 4.36
CA ILE A 73 -18.57 6.37 3.55
C ILE A 73 -17.48 5.91 4.50
N ASN A 74 -16.77 4.85 4.12
CA ASN A 74 -15.82 4.18 5.01
C ASN A 74 -16.38 3.96 6.42
N PRO A 75 -17.51 3.25 6.53
CA PRO A 75 -18.05 2.90 7.85
C PRO A 75 -17.17 1.94 8.66
N GLU A 76 -17.12 2.14 9.97
CA GLU A 76 -16.56 1.14 10.84
C GLU A 76 -17.46 0.89 12.04
N LEU A 77 -17.63 -0.39 12.35
CA LEU A 77 -18.44 -0.82 13.49
C LEU A 77 -17.68 -0.68 14.80
N LEU A 78 -18.18 0.15 15.70
CA LEU A 78 -17.50 0.38 16.97
C LEU A 78 -17.96 -0.59 18.06
N GLU A 79 -19.25 -0.90 18.08
CA GLU A 79 -19.83 -1.74 19.11
C GLU A 79 -21.10 -2.39 18.58
N LYS A 80 -21.39 -3.59 19.04
CA LYS A 80 -22.69 -4.19 18.81
C LYS A 80 -23.18 -4.94 20.03
N SER A 81 -24.50 -5.06 20.15
CA SER A 81 -25.05 -5.87 21.21
C SER A 81 -26.40 -6.45 20.81
N GLY A 82 -26.73 -7.60 21.43
CA GLY A 82 -28.04 -8.19 21.29
C GLY A 82 -28.13 -9.01 20.04
N GLU A 83 -29.30 -9.56 19.79
CA GLU A 83 -29.53 -10.29 18.55
C GLU A 83 -31.02 -10.18 18.15
N THR A 84 -31.29 -10.13 16.84
CA THR A 84 -32.66 -10.11 16.32
C THR A 84 -32.64 -10.62 14.91
N GLY A 85 -33.77 -10.40 14.24
CA GLY A 85 -33.83 -10.60 12.81
C GLY A 85 -35.22 -10.47 12.28
N ILE A 86 -35.29 -10.21 10.99
CA ILE A 86 -36.52 -10.04 10.26
C ILE A 86 -36.26 -10.79 8.98
N GLU A 87 -37.29 -10.84 8.15
CA GLU A 87 -37.24 -11.56 6.89
C GLU A 87 -36.70 -10.64 5.83
N GLU A 88 -35.38 -10.60 5.69
CA GLU A 88 -34.70 -9.62 4.83
C GLU A 88 -34.89 -9.90 3.36
N GLY A 89 -34.81 -8.85 2.55
CA GLY A 89 -34.65 -9.04 1.13
C GLY A 89 -33.41 -8.34 0.60
N CYS A 90 -33.01 -8.71 -0.61
CA CYS A 90 -31.84 -8.10 -1.25
C CYS A 90 -32.06 -7.81 -2.73
N LEU A 91 -31.69 -6.61 -3.13
CA LEU A 91 -31.80 -6.20 -4.51
C LEU A 91 -31.01 -7.12 -5.43
N SER A 92 -29.89 -7.64 -4.94
CA SER A 92 -29.07 -8.49 -5.77
C SER A 92 -29.51 -9.94 -5.74
N ILE A 93 -30.46 -10.24 -4.86
CA ILE A 93 -31.04 -11.57 -4.78
C ILE A 93 -32.56 -11.45 -4.94
N PRO A 94 -33.03 -11.20 -6.17
CA PRO A 94 -34.40 -10.76 -6.44
C PRO A 94 -35.51 -11.71 -5.96
N GLU A 95 -36.43 -11.12 -5.19
CA GLU A 95 -37.64 -11.80 -4.72
C GLU A 95 -37.47 -12.87 -3.65
N GLN A 96 -36.25 -12.99 -3.13
CA GLN A 96 -35.98 -13.93 -2.05
C GLN A 96 -35.94 -13.21 -0.70
N ARG A 97 -36.59 -13.78 0.32
CA ARG A 97 -36.50 -13.29 1.69
C ARG A 97 -36.23 -14.37 2.71
N ALA A 98 -35.44 -14.03 3.73
CA ALA A 98 -35.12 -15.01 4.77
C ALA A 98 -34.73 -14.28 6.03
N LEU A 99 -35.24 -14.78 7.16
CA LEU A 99 -34.78 -14.41 8.49
C LEU A 99 -33.30 -14.74 8.67
N VAL A 100 -32.55 -13.75 9.16
CA VAL A 100 -31.10 -13.74 9.24
C VAL A 100 -30.75 -13.21 10.63
N PRO A 101 -29.84 -13.88 11.37
CA PRO A 101 -29.44 -13.33 12.67
C PRO A 101 -28.58 -12.07 12.53
N ARG A 102 -28.96 -11.04 13.30
CA ARG A 102 -28.26 -9.74 13.30
C ARG A 102 -28.03 -9.32 14.74
N ALA A 103 -27.09 -8.42 14.95
CA ALA A 103 -26.99 -7.70 16.22
C ALA A 103 -28.17 -6.72 16.29
N GLU A 104 -28.70 -6.53 17.50
CA GLU A 104 -29.87 -5.68 17.66
C GLU A 104 -29.50 -4.19 17.73
N LYS A 105 -28.39 -3.88 18.40
CA LYS A 105 -27.92 -2.52 18.44
C LYS A 105 -26.51 -2.46 17.88
N VAL A 106 -26.19 -1.33 17.27
CA VAL A 106 -24.93 -1.15 16.57
C VAL A 106 -24.49 0.32 16.70
N LYS A 107 -23.19 0.53 16.86
CA LYS A 107 -22.63 1.88 16.90
C LYS A 107 -21.60 1.96 15.82
N ILE A 108 -21.80 2.88 14.87
CA ILE A 108 -20.85 3.05 13.78
C ILE A 108 -20.23 4.42 13.71
N ARG A 109 -19.06 4.47 13.07
CA ARG A 109 -18.39 5.71 12.71
C ARG A 109 -18.28 5.71 11.18
N ALA A 110 -18.78 6.75 10.53
CA ALA A 110 -18.63 6.90 9.08
C ALA A 110 -18.42 8.37 8.68
N LEU A 111 -18.16 8.58 7.39
CA LEU A 111 -18.13 9.94 6.84
C LEU A 111 -19.42 10.17 6.06
N ASP A 112 -19.88 11.42 6.03
CA ASP A 112 -21.09 11.78 5.28
C ASP A 112 -20.75 12.22 3.87
N ARG A 113 -21.73 12.75 3.15
CA ARG A 113 -21.53 13.15 1.75
C ARG A 113 -20.41 14.18 1.62
N ASP A 114 -20.24 14.98 2.67
CA ASP A 114 -19.25 16.05 2.67
C ASP A 114 -17.89 15.62 3.21
N GLY A 115 -17.73 14.31 3.42
CA GLY A 115 -16.49 13.78 3.95
C GLY A 115 -16.29 14.09 5.41
N LYS A 116 -17.36 14.44 6.10
CA LYS A 116 -17.25 14.72 7.51
C LYS A 116 -17.56 13.46 8.32
N PRO A 117 -16.79 13.23 9.39
CA PRO A 117 -17.02 12.10 10.27
C PRO A 117 -18.18 12.29 11.24
N PHE A 118 -18.96 11.23 11.42
CA PHE A 118 -20.01 11.19 12.42
C PHE A 118 -20.10 9.79 13.06
N GLU A 119 -20.79 9.72 14.18
CA GLU A 119 -21.04 8.46 14.85
C GLU A 119 -22.54 8.28 14.95
N LEU A 120 -22.98 7.03 14.87
CA LEU A 120 -24.41 6.71 14.84
C LEU A 120 -24.67 5.50 15.70
N GLU A 121 -25.56 5.64 16.66
CA GLU A 121 -26.03 4.49 17.41
C GLU A 121 -27.38 4.11 16.82
N ALA A 122 -27.49 2.90 16.30
CA ALA A 122 -28.71 2.49 15.66
C ALA A 122 -29.29 1.27 16.36
N ASP A 123 -30.61 1.18 16.42
CA ASP A 123 -31.26 -0.12 16.64
C ASP A 123 -32.39 -0.31 15.65
N GLY A 124 -33.16 -1.37 15.85
CA GLY A 124 -34.30 -1.64 14.99
C GLY A 124 -33.91 -1.97 13.57
N LEU A 125 -34.79 -1.65 12.64
CA LEU A 125 -34.56 -1.82 11.20
C LEU A 125 -33.27 -1.13 10.74
N LEU A 126 -32.98 0.05 11.27
CA LEU A 126 -31.75 0.77 10.91
C LEU A 126 -30.52 -0.09 11.20
N ALA A 127 -30.44 -0.68 12.42
CA ALA A 127 -29.30 -1.53 12.79
C ALA A 127 -29.15 -2.71 11.85
N ILE A 128 -30.27 -3.35 11.49
CA ILE A 128 -30.29 -4.51 10.60
C ILE A 128 -29.82 -4.14 9.20
N CYS A 129 -30.34 -3.03 8.71
CA CYS A 129 -30.02 -2.51 7.38
C CYS A 129 -28.55 -2.13 7.23
N ILE A 130 -27.99 -1.45 8.22
CA ILE A 130 -26.57 -1.14 8.22
C ILE A 130 -25.69 -2.40 8.17
N GLN A 131 -26.07 -3.44 8.94
CA GLN A 131 -25.29 -4.69 9.00
C GLN A 131 -25.34 -5.39 7.69
N HIS A 132 -26.52 -5.38 7.06
CA HIS A 132 -26.74 -5.93 5.73
C HIS A 132 -25.87 -5.26 4.65
N GLU A 133 -25.77 -3.94 4.71
CA GLU A 133 -25.12 -3.20 3.65
C GLU A 133 -23.60 -3.28 3.86
N MET A 134 -23.19 -3.21 5.13
CA MET A 134 -21.78 -3.38 5.50
C MET A 134 -21.23 -4.75 5.07
N ASP A 135 -22.05 -5.79 5.14
CA ASP A 135 -21.71 -7.12 4.62
C ASP A 135 -21.42 -7.10 3.12
N HIS A 136 -22.19 -6.32 2.38
CA HIS A 136 -22.01 -6.19 0.94
C HIS A 136 -20.61 -5.73 0.58
N LEU A 137 -20.07 -4.84 1.41
CA LEU A 137 -18.75 -4.25 1.18
C LEU A 137 -17.54 -5.20 1.35
N VAL A 138 -17.73 -6.34 2.02
CA VAL A 138 -16.68 -7.35 2.17
C VAL A 138 -17.08 -8.64 1.45
N GLY A 139 -18.03 -8.51 0.52
CA GLY A 139 -18.44 -9.63 -0.30
C GLY A 139 -19.37 -10.67 0.34
N LYS A 140 -20.10 -10.28 1.37
CA LYS A 140 -21.08 -11.18 2.00
C LYS A 140 -22.52 -10.92 1.60
N LEU A 141 -23.28 -12.00 1.44
CA LEU A 141 -24.70 -11.90 1.12
C LEU A 141 -25.49 -12.56 2.25
N PHE A 142 -26.76 -12.21 2.43
CA PHE A 142 -27.53 -12.69 3.60
C PHE A 142 -27.76 -14.21 3.54
N MET A 143 -27.74 -14.74 2.32
CA MET A 143 -27.87 -16.17 2.09
C MET A 143 -26.66 -16.95 2.58
N ASP A 144 -25.57 -16.26 2.83
CA ASP A 144 -24.38 -16.92 3.39
C ASP A 144 -24.62 -17.39 4.81
N TYR A 145 -25.67 -16.90 5.45
CA TYR A 145 -25.96 -17.26 6.83
C TYR A 145 -26.85 -18.50 6.96
N LEU A 146 -27.34 -18.96 5.82
CA LEU A 146 -28.33 -20.01 5.79
C LEU A 146 -27.64 -21.34 5.47
N SER A 147 -28.37 -22.45 5.62
CA SER A 147 -27.84 -23.76 5.32
C SER A 147 -27.53 -23.89 3.83
N PRO A 148 -26.65 -24.83 3.47
CA PRO A 148 -26.36 -25.25 2.10
C PRO A 148 -27.59 -25.55 1.27
N LEU A 149 -28.53 -26.28 1.86
CA LEU A 149 -29.79 -26.52 1.21
C LEU A 149 -30.56 -25.23 0.93
N LYS A 150 -30.75 -24.37 1.94
CA LYS A 150 -31.44 -23.08 1.75
C LYS A 150 -30.82 -22.25 0.65
N GLN A 151 -29.49 -22.26 0.59
CA GLN A 151 -28.77 -21.46 -0.38
C GLN A 151 -28.92 -21.98 -1.79
N GLN A 152 -28.59 -23.26 -1.91
CA GLN A 152 -28.91 -24.10 -3.08
C GLN A 152 -30.31 -23.86 -3.62
N ARG A 153 -31.28 -23.65 -2.74
CA ARG A 153 -32.63 -23.31 -3.16
C ARG A 153 -32.73 -21.87 -3.68
N ILE A 154 -32.22 -20.93 -2.90
CA ILE A 154 -32.31 -19.51 -3.24
C ILE A 154 -31.66 -19.24 -4.57
N ARG A 155 -30.73 -20.13 -4.95
CA ARG A 155 -29.89 -19.94 -6.13
C ARG A 155 -30.61 -20.42 -7.38
N GLN A 156 -31.26 -21.57 -7.27
CA GLN A 156 -32.07 -22.10 -8.35
C GLN A 156 -33.07 -21.03 -8.77
N LYS A 157 -33.81 -20.57 -7.76
CA LYS A 157 -34.97 -19.70 -7.91
C LYS A 157 -34.67 -18.40 -8.66
N VAL A 158 -33.64 -17.70 -8.21
CA VAL A 158 -33.26 -16.40 -8.79
C VAL A 158 -32.86 -16.56 -10.25
N GLU A 159 -32.06 -17.59 -10.52
CA GLU A 159 -31.64 -17.88 -11.88
C GLU A 159 -32.88 -18.02 -12.80
N LYS A 160 -33.93 -18.64 -12.26
CA LYS A 160 -35.20 -18.78 -12.96
C LYS A 160 -35.87 -17.42 -13.24
N LEU A 161 -35.94 -16.58 -12.22
CA LEU A 161 -36.41 -15.23 -12.41
C LEU A 161 -35.73 -14.58 -13.63
N ASP A 162 -34.40 -14.46 -13.54
CA ASP A 162 -33.62 -13.67 -14.49
C ASP A 162 -33.55 -14.31 -15.87
N ARG A 163 -33.55 -15.65 -15.87
CA ARG A 163 -34.03 -16.49 -16.99
C ARG A 163 -35.03 -15.64 -17.78
N LEU A 164 -36.07 -15.19 -17.08
CA LEU A 164 -37.10 -14.37 -17.71
C LEU A 164 -36.81 -12.90 -17.63
N LYS A 165 -35.75 -12.48 -16.93
CA LYS A 165 -35.51 -11.03 -16.86
C LYS A 165 -35.13 -10.43 -18.24
N ALA A 166 -33.96 -10.82 -18.76
CA ALA A 166 -33.80 -10.89 -20.20
C ALA A 166 -35.03 -11.68 -20.62
N ARG A 167 -35.91 -10.99 -21.32
CA ARG A 167 -37.34 -11.30 -21.30
C ARG A 167 -37.71 -11.57 -22.76
N ALA A 168 -37.33 -10.61 -23.60
CA ALA A 168 -37.10 -10.85 -25.04
C ALA A 168 -38.40 -11.31 -25.73
N SER B 1 18.75 -2.17 1.29
CA SER B 1 17.51 -2.08 0.49
C SER B 1 17.65 -1.05 -0.62
N VAL B 2 17.01 -1.34 -1.75
CA VAL B 2 16.87 -0.36 -2.82
C VAL B 2 15.59 0.46 -2.60
N LEU B 3 15.74 1.78 -2.51
CA LEU B 3 14.62 2.68 -2.28
C LEU B 3 14.07 3.15 -3.61
N GLN B 4 12.79 3.49 -3.62
CA GLN B 4 12.17 4.05 -4.80
C GLN B 4 12.68 5.49 -5.06
N VAL B 5 13.14 5.73 -6.28
CA VAL B 5 13.55 7.05 -6.73
C VAL B 5 12.35 7.79 -7.30
N LEU B 6 12.05 8.97 -6.74
CA LEU B 6 11.03 9.85 -7.28
C LEU B 6 11.43 10.41 -8.63
N HIS B 7 10.46 10.51 -9.54
CA HIS B 7 10.62 11.16 -10.84
C HIS B 7 9.80 12.45 -10.91
N ILE B 8 10.14 13.33 -11.83
CA ILE B 8 9.26 14.45 -12.12
C ILE B 8 8.00 13.90 -12.77
N PRO B 9 6.82 14.47 -12.46
CA PRO B 9 6.64 15.78 -11.83
C PRO B 9 6.38 15.79 -10.33
N ASP B 10 6.94 14.85 -9.60
CA ASP B 10 6.75 14.81 -8.16
C ASP B 10 7.24 16.08 -7.44
N GLU B 11 6.37 16.65 -6.62
CA GLU B 11 6.67 17.92 -5.94
C GLU B 11 7.53 17.76 -4.68
N ARG B 12 7.65 16.53 -4.18
CA ARG B 12 8.62 16.25 -3.14
C ARG B 12 10.04 16.50 -3.58
N LEU B 13 10.28 16.46 -4.90
CA LEU B 13 11.58 16.74 -5.49
C LEU B 13 11.93 18.23 -5.30
N ARG B 14 10.93 19.04 -4.95
CA ARG B 14 11.16 20.46 -4.74
C ARG B 14 11.25 20.88 -3.27
N LYS B 15 11.35 19.91 -2.38
CA LYS B 15 11.48 20.20 -0.95
C LYS B 15 12.94 20.48 -0.60
N VAL B 16 13.14 21.41 0.33
CA VAL B 16 14.47 21.76 0.82
C VAL B 16 14.81 20.94 2.05
N ALA B 17 15.92 20.21 1.97
CA ALA B 17 16.33 19.25 2.98
C ALA B 17 16.78 19.94 4.25
N LYS B 18 16.54 19.29 5.39
CA LYS B 18 17.02 19.76 6.68
C LYS B 18 18.39 19.13 6.96
N PRO B 19 19.24 19.82 7.74
CA PRO B 19 20.54 19.22 8.03
C PRO B 19 20.46 18.05 9.01
N VAL B 20 21.38 17.10 8.86
CA VAL B 20 21.48 15.96 9.74
C VAL B 20 21.91 16.44 11.13
N GLU B 21 21.11 16.12 12.15
CA GLU B 21 21.38 16.57 13.50
C GLU B 21 22.32 15.64 14.27
N GLU B 22 22.44 14.40 13.81
CA GLU B 22 23.42 13.46 14.39
C GLU B 22 23.65 12.30 13.44
N VAL B 23 24.90 12.06 13.09
CA VAL B 23 25.26 10.94 12.24
C VAL B 23 25.35 9.69 13.10
N ASN B 24 24.24 8.99 13.20
CA ASN B 24 24.18 7.79 14.00
C ASN B 24 23.86 6.64 13.06
N ALA B 25 23.36 5.54 13.62
CA ALA B 25 23.20 4.31 12.84
C ALA B 25 21.98 4.34 11.94
N GLU B 26 21.01 5.20 12.24
CA GLU B 26 19.91 5.45 11.31
C GLU B 26 20.38 6.17 10.05
N ILE B 27 21.30 7.10 10.19
CA ILE B 27 21.83 7.84 9.05
C ILE B 27 22.75 6.93 8.23
N GLN B 28 23.44 6.02 8.92
CA GLN B 28 24.35 5.11 8.25
C GLN B 28 23.65 4.06 7.41
N ARG B 29 22.46 3.62 7.85
CA ARG B 29 21.61 2.77 7.04
C ARG B 29 21.05 3.53 5.84
N ILE B 30 20.69 4.78 6.01
CA ILE B 30 20.24 5.60 4.89
C ILE B 30 21.34 5.69 3.82
N VAL B 31 22.55 5.99 4.27
CA VAL B 31 23.71 6.08 3.37
C VAL B 31 23.94 4.76 2.62
N ASP B 32 23.87 3.63 3.33
CA ASP B 32 24.06 2.33 2.69
C ASP B 32 22.99 1.99 1.68
N ASP B 33 21.74 2.42 1.95
CA ASP B 33 20.58 2.14 1.08
C ASP B 33 20.64 3.00 -0.17
N MET B 34 21.05 4.26 0.00
CA MET B 34 21.21 5.17 -1.15
C MET B 34 22.31 4.72 -2.12
N PHE B 35 23.39 4.16 -1.59
CA PHE B 35 24.43 3.57 -2.43
C PHE B 35 23.89 2.41 -3.24
N GLU B 36 23.25 1.48 -2.52
CA GLU B 36 22.59 0.34 -3.14
C GLU B 36 21.67 0.81 -4.23
N THR B 37 20.88 1.82 -3.92
CA THR B 37 19.92 2.38 -4.86
C THR B 37 20.63 3.02 -6.05
N MET B 38 21.72 3.73 -5.77
CA MET B 38 22.45 4.42 -6.82
C MET B 38 23.09 3.42 -7.77
N TYR B 39 23.67 2.37 -7.21
CA TYR B 39 24.31 1.36 -8.03
C TYR B 39 23.30 0.56 -8.84
N ALA B 40 22.16 0.25 -8.23
CA ALA B 40 21.07 -0.43 -8.91
C ALA B 40 20.51 0.32 -10.10
N GLU B 41 20.24 1.63 -9.95
CA GLU B 41 19.76 2.39 -11.11
C GLU B 41 20.89 2.96 -11.98
N GLU B 42 22.13 2.57 -11.69
CA GLU B 42 23.28 3.04 -12.44
C GLU B 42 23.40 4.59 -12.55
N GLY B 43 23.26 5.28 -11.43
CA GLY B 43 23.57 6.70 -11.40
C GLY B 43 24.98 6.97 -10.89
N ILE B 44 25.46 8.20 -11.02
CA ILE B 44 26.77 8.53 -10.45
C ILE B 44 26.67 9.36 -9.16
N GLY B 45 25.45 9.77 -8.86
CA GLY B 45 25.15 10.42 -7.59
C GLY B 45 23.69 10.27 -7.24
N LEU B 46 23.37 10.50 -5.97
CA LEU B 46 21.99 10.49 -5.51
C LEU B 46 21.90 11.33 -4.26
N ALA B 47 20.88 12.18 -4.18
CA ALA B 47 20.66 13.00 -2.99
C ALA B 47 19.48 12.43 -2.26
N ALA B 48 19.53 12.47 -0.92
CA ALA B 48 18.47 11.91 -0.10
C ALA B 48 17.08 12.39 -0.51
N THR B 49 16.97 13.64 -0.98
CA THR B 49 15.67 14.19 -1.32
C THR B 49 15.06 13.46 -2.51
N GLN B 50 15.91 12.74 -3.23
CA GLN B 50 15.50 11.96 -4.40
C GLN B 50 14.79 10.65 -4.05
N VAL B 51 15.04 10.14 -2.86
CA VAL B 51 14.33 8.98 -2.36
C VAL B 51 13.40 9.33 -1.22
N ASP B 52 12.92 10.56 -1.23
CA ASP B 52 11.94 11.05 -0.28
C ASP B 52 12.44 11.07 1.15
N ILE B 53 13.74 11.30 1.32
CA ILE B 53 14.31 11.56 2.64
C ILE B 53 14.89 12.98 2.62
N HIS B 54 14.31 13.86 3.42
CA HIS B 54 14.62 15.27 3.31
C HIS B 54 15.61 15.78 4.33
N GLN B 55 16.85 15.31 4.16
CA GLN B 55 17.93 15.63 5.01
C GLN B 55 19.16 15.73 4.09
N ARG B 56 20.11 16.56 4.47
CA ARG B 56 21.23 16.92 3.60
C ARG B 56 22.25 15.79 3.49
N ILE B 57 21.93 14.78 2.66
CA ILE B 57 22.79 13.61 2.51
C ILE B 57 23.02 13.27 1.05
N ILE B 58 24.28 13.06 0.67
CA ILE B 58 24.61 12.78 -0.72
C ILE B 58 25.57 11.60 -0.83
N VAL B 59 25.33 10.76 -1.83
CA VAL B 59 26.24 9.69 -2.16
C VAL B 59 26.58 9.83 -3.64
N ILE B 60 27.85 9.54 -3.96
CA ILE B 60 28.43 9.74 -5.30
C ILE B 60 29.39 8.58 -5.60
N ASP B 61 29.46 8.19 -6.88
CA ASP B 61 30.59 7.43 -7.37
C ASP B 61 30.83 7.81 -8.85
N VAL B 62 31.82 8.65 -9.11
CA VAL B 62 32.11 9.09 -10.47
C VAL B 62 33.19 8.21 -11.10
N SER B 63 33.66 7.22 -10.35
CA SER B 63 34.75 6.37 -10.81
C SER B 63 34.33 5.45 -11.97
N GLU B 64 35.31 5.06 -12.78
CA GLU B 64 35.09 4.31 -14.03
C GLU B 64 34.65 2.88 -13.75
N ASN B 65 35.21 2.31 -12.67
CA ASN B 65 34.93 0.93 -12.33
C ASN B 65 33.93 0.84 -11.19
N ARG B 66 33.26 1.96 -10.91
CA ARG B 66 32.21 2.02 -9.89
C ARG B 66 32.62 1.40 -8.56
N ASP B 67 33.80 1.74 -8.07
CA ASP B 67 34.24 1.22 -6.78
C ASP B 67 34.77 2.26 -5.83
N GLU B 68 34.51 3.52 -6.10
CA GLU B 68 34.98 4.63 -5.27
C GLU B 68 33.77 5.32 -4.64
N ARG B 69 33.58 5.15 -3.32
CA ARG B 69 32.43 5.73 -2.63
C ARG B 69 32.73 6.98 -1.86
N LEU B 70 31.91 7.99 -2.09
CA LEU B 70 32.06 9.28 -1.44
C LEU B 70 30.72 9.68 -0.82
N VAL B 71 30.75 10.00 0.46
CA VAL B 71 29.56 10.36 1.20
C VAL B 71 29.72 11.82 1.63
N LEU B 72 28.71 12.64 1.30
CA LEU B 72 28.67 14.05 1.68
C LEU B 72 27.48 14.26 2.60
N ILE B 73 27.72 14.42 3.89
CA ILE B 73 26.63 14.80 4.80
C ILE B 73 26.84 16.23 5.23
N ASN B 74 25.77 17.01 5.17
CA ASN B 74 25.78 18.42 5.52
C ASN B 74 26.85 19.17 4.72
N PRO B 75 26.87 18.96 3.41
CA PRO B 75 27.86 19.66 2.61
C PRO B 75 27.67 21.20 2.65
N GLU B 76 28.76 21.93 2.63
CA GLU B 76 28.72 23.37 2.34
C GLU B 76 29.82 23.78 1.38
N LEU B 77 29.42 24.58 0.38
CA LEU B 77 30.34 25.07 -0.64
C LEU B 77 31.20 26.23 -0.12
N LEU B 78 32.50 26.02 -0.06
CA LEU B 78 33.42 27.05 0.42
C LEU B 78 33.91 28.02 -0.65
N GLU B 79 34.15 27.51 -1.85
CA GLU B 79 34.67 28.31 -2.96
C GLU B 79 34.31 27.65 -4.27
N LYS B 80 34.14 28.44 -5.32
CA LYS B 80 34.06 27.88 -6.65
C LYS B 80 34.78 28.77 -7.64
N SER B 81 35.21 28.20 -8.74
CA SER B 81 35.75 29.00 -9.82
C SER B 81 35.56 28.34 -11.18
N GLY B 82 35.53 29.18 -12.21
CA GLY B 82 35.52 28.68 -13.58
C GLY B 82 34.12 28.34 -14.02
N GLU B 83 33.99 27.88 -15.26
CA GLU B 83 32.71 27.37 -15.72
C GLU B 83 32.90 26.24 -16.72
N THR B 84 32.07 25.23 -16.51
CA THR B 84 31.93 24.12 -17.44
C THR B 84 30.49 23.75 -17.65
N GLY B 85 30.33 22.78 -18.52
CA GLY B 85 29.10 22.03 -18.61
C GLY B 85 29.34 20.77 -19.39
N ILE B 86 28.86 19.65 -18.86
CA ILE B 86 28.65 18.48 -19.67
C ILE B 86 27.17 18.28 -19.85
N GLU B 87 26.82 17.25 -20.62
CA GLU B 87 25.42 16.86 -20.77
C GLU B 87 25.00 15.97 -19.61
N GLU B 88 24.27 16.56 -18.66
CA GLU B 88 24.02 15.90 -17.39
C GLU B 88 22.77 15.04 -17.44
N GLY B 89 22.76 14.00 -16.63
CA GLY B 89 21.57 13.20 -16.47
C GLY B 89 21.19 13.19 -15.01
N CYS B 90 20.06 12.57 -14.71
CA CYS B 90 19.49 12.54 -13.37
C CYS B 90 18.59 11.32 -13.26
N LEU B 91 18.69 10.60 -12.16
CA LEU B 91 17.77 9.48 -11.92
C LEU B 91 16.29 9.89 -11.75
N SER B 92 16.06 11.15 -11.35
CA SER B 92 14.71 11.69 -11.20
C SER B 92 14.08 12.28 -12.46
N ILE B 93 14.86 12.33 -13.54
CA ILE B 93 14.39 12.80 -14.84
C ILE B 93 14.84 11.77 -15.89
N PRO B 94 14.17 10.59 -15.93
CA PRO B 94 14.63 9.43 -16.69
C PRO B 94 14.84 9.66 -18.19
N GLU B 95 16.04 9.29 -18.63
CA GLU B 95 16.44 9.27 -20.03
C GLU B 95 16.66 10.61 -20.70
N GLN B 96 16.77 11.66 -19.91
CA GLN B 96 16.91 12.99 -20.47
C GLN B 96 18.28 13.53 -20.12
N ARG B 97 18.94 14.11 -21.12
CA ARG B 97 20.23 14.75 -20.89
C ARG B 97 20.33 16.15 -21.48
N ALA B 98 21.03 17.02 -20.79
CA ALA B 98 21.21 18.38 -21.28
C ALA B 98 22.45 18.99 -20.67
N LEU B 99 23.11 19.89 -21.41
CA LEU B 99 24.22 20.64 -20.82
C LEU B 99 23.69 21.72 -19.90
N VAL B 100 24.29 21.80 -18.73
CA VAL B 100 23.93 22.81 -17.78
C VAL B 100 25.22 23.44 -17.27
N PRO B 101 25.24 24.78 -17.23
CA PRO B 101 26.44 25.50 -16.79
C PRO B 101 26.75 25.23 -15.32
N ARG B 102 28.02 24.89 -15.08
CA ARG B 102 28.51 24.53 -13.74
C ARG B 102 29.78 25.31 -13.46
N ALA B 103 30.12 25.46 -12.18
CA ALA B 103 31.46 25.88 -11.83
C ALA B 103 32.44 24.73 -12.14
N GLU B 104 33.65 25.07 -12.58
CA GLU B 104 34.59 24.05 -12.98
C GLU B 104 35.31 23.45 -11.77
N LYS B 105 35.62 24.29 -10.79
CA LYS B 105 36.26 23.81 -9.59
C LYS B 105 35.44 24.23 -8.40
N VAL B 106 35.51 23.43 -7.34
CA VAL B 106 34.65 23.57 -6.19
C VAL B 106 35.40 23.08 -4.96
N LYS B 107 35.20 23.77 -3.85
CA LYS B 107 35.80 23.35 -2.59
C LYS B 107 34.69 23.20 -1.58
N ILE B 108 34.54 22.01 -1.02
CA ILE B 108 33.45 21.77 -0.08
C ILE B 108 33.93 21.29 1.27
N ARG B 109 33.12 21.54 2.28
CA ARG B 109 33.28 20.97 3.60
C ARG B 109 32.05 20.08 3.87
N ALA B 110 32.28 18.83 4.24
CA ALA B 110 31.18 17.93 4.61
C ALA B 110 31.59 16.98 5.74
N LEU B 111 30.62 16.25 6.26
CA LEU B 111 30.91 15.14 7.17
C LEU B 111 30.87 13.82 6.39
N ASP B 112 31.71 12.87 6.78
CA ASP B 112 31.63 11.54 6.21
C ASP B 112 30.65 10.61 6.93
N ARG B 113 30.71 9.33 6.58
CA ARG B 113 29.83 8.31 7.13
C ARG B 113 29.96 8.16 8.64
N ASP B 114 31.10 8.55 9.20
CA ASP B 114 31.34 8.52 10.64
C ASP B 114 31.09 9.86 11.34
N GLY B 115 30.51 10.81 10.61
CA GLY B 115 30.28 12.13 11.17
C GLY B 115 31.55 12.94 11.36
N LYS B 116 32.65 12.47 10.77
CA LYS B 116 33.92 13.22 10.71
C LYS B 116 33.95 14.29 9.60
N PRO B 117 34.27 15.56 9.96
CA PRO B 117 34.38 16.64 8.96
C PRO B 117 35.60 16.48 8.05
N PHE B 118 35.41 16.77 6.78
CA PHE B 118 36.51 16.83 5.82
C PHE B 118 36.29 17.93 4.81
N GLU B 119 37.36 18.32 4.12
CA GLU B 119 37.28 19.29 3.03
C GLU B 119 37.75 18.64 1.75
N LEU B 120 37.13 19.01 0.65
CA LEU B 120 37.40 18.40 -0.65
C LEU B 120 37.50 19.50 -1.70
N GLU B 121 38.65 19.57 -2.36
CA GLU B 121 38.79 20.32 -3.60
C GLU B 121 38.48 19.39 -4.77
N ALA B 122 37.49 19.74 -5.58
CA ALA B 122 37.16 18.89 -6.72
C ALA B 122 37.20 19.67 -8.01
N ASP B 123 37.60 19.03 -9.10
CA ASP B 123 37.27 19.53 -10.42
C ASP B 123 36.74 18.41 -11.28
N GLY B 124 36.62 18.67 -12.58
CA GLY B 124 36.15 17.64 -13.50
C GLY B 124 34.74 17.20 -13.24
N LEU B 125 34.44 15.95 -13.61
CA LEU B 125 33.15 15.31 -13.36
C LEU B 125 32.78 15.36 -11.88
N LEU B 126 33.73 15.15 -10.98
CA LEU B 126 33.45 15.20 -9.56
C LEU B 126 32.84 16.54 -9.18
N ALA B 127 33.42 17.66 -9.64
CA ALA B 127 32.89 19.00 -9.34
C ALA B 127 31.47 19.17 -9.85
N ILE B 128 31.23 18.73 -11.08
CA ILE B 128 29.90 18.81 -11.70
C ILE B 128 28.85 18.03 -10.92
N CYS B 129 29.26 16.89 -10.40
CA CYS B 129 28.31 15.96 -9.81
C CYS B 129 27.93 16.46 -8.41
N ILE B 130 28.86 17.13 -7.73
CA ILE B 130 28.64 17.64 -6.40
C ILE B 130 27.68 18.83 -6.42
N GLN B 131 27.69 19.61 -7.50
CA GLN B 131 26.81 20.78 -7.63
C GLN B 131 25.38 20.35 -7.98
N HIS B 132 25.27 19.42 -8.92
CA HIS B 132 24.03 18.76 -9.26
C HIS B 132 23.31 18.20 -8.01
N GLU B 133 24.06 17.50 -7.15
CA GLU B 133 23.49 16.88 -5.96
C GLU B 133 23.17 17.89 -4.88
N MET B 134 24.08 18.84 -4.64
CA MET B 134 23.80 19.92 -3.74
C MET B 134 22.56 20.72 -4.21
N ASP B 135 22.33 20.75 -5.53
CA ASP B 135 21.14 21.41 -6.04
C ASP B 135 19.89 20.70 -5.60
N HIS B 136 19.91 19.35 -5.58
CA HIS B 136 18.73 18.53 -5.21
C HIS B 136 18.25 18.88 -3.83
N LEU B 137 19.20 19.05 -2.92
CA LEU B 137 18.97 19.33 -1.51
C LEU B 137 18.17 20.59 -1.26
N VAL B 138 18.19 21.52 -2.20
CA VAL B 138 17.44 22.75 -2.03
C VAL B 138 16.31 22.79 -3.04
N GLY B 139 15.95 21.62 -3.58
CA GLY B 139 14.83 21.50 -4.49
C GLY B 139 15.06 21.97 -5.91
N LYS B 140 16.31 21.99 -6.37
CA LYS B 140 16.61 22.32 -7.77
C LYS B 140 16.91 21.10 -8.65
N LEU B 141 16.47 21.20 -9.89
CA LEU B 141 16.73 20.16 -10.90
C LEU B 141 17.50 20.78 -12.06
N PHE B 142 18.26 19.97 -12.81
CA PHE B 142 19.12 20.52 -13.86
C PHE B 142 18.34 21.21 -14.99
N MET B 143 17.11 20.76 -15.20
CA MET B 143 16.19 21.35 -16.18
C MET B 143 15.74 22.77 -15.78
N ASP B 144 15.95 23.14 -14.52
CA ASP B 144 15.66 24.50 -14.11
C ASP B 144 16.55 25.51 -14.79
N TYR B 145 17.65 25.06 -15.38
CA TYR B 145 18.64 25.95 -15.96
C TYR B 145 18.34 26.23 -17.42
N LEU B 146 17.36 25.50 -17.93
CA LEU B 146 17.07 25.52 -19.36
C LEU B 146 15.86 26.40 -19.65
N SER B 147 15.60 26.64 -20.92
CA SER B 147 14.52 27.54 -21.30
C SER B 147 13.21 26.88 -20.97
N PRO B 148 12.14 27.69 -20.86
CA PRO B 148 10.75 27.21 -20.73
C PRO B 148 10.33 26.12 -21.75
N LEU B 149 10.73 26.29 -23.01
CA LEU B 149 10.46 25.31 -24.05
C LEU B 149 11.19 24.01 -23.77
N LYS B 150 12.49 24.13 -23.50
CA LYS B 150 13.32 22.96 -23.21
C LYS B 150 12.70 22.16 -22.06
N GLN B 151 12.23 22.87 -21.04
CA GLN B 151 11.68 22.23 -19.85
C GLN B 151 10.37 21.47 -20.12
N GLN B 152 9.54 21.95 -21.05
CA GLN B 152 8.29 21.25 -21.38
C GLN B 152 8.49 19.93 -22.10
N ARG B 153 9.39 19.91 -23.08
CA ARG B 153 9.69 18.73 -23.88
C ARG B 153 10.29 17.60 -23.05
N ILE B 154 11.07 17.96 -22.05
CA ILE B 154 11.68 17.02 -21.13
C ILE B 154 10.59 16.34 -20.30
N ARG B 155 9.69 17.15 -19.75
CA ARG B 155 8.59 16.66 -18.93
C ARG B 155 7.62 15.76 -19.70
N GLN B 156 7.32 16.12 -20.95
CA GLN B 156 6.51 15.26 -21.80
C GLN B 156 7.18 13.94 -22.00
N LYS B 157 8.42 13.97 -22.48
CA LYS B 157 9.17 12.75 -22.71
C LYS B 157 9.23 11.89 -21.46
N VAL B 158 9.26 12.51 -20.29
CA VAL B 158 9.34 11.72 -19.08
C VAL B 158 7.98 11.17 -18.67
N GLU B 159 6.96 12.01 -18.70
CA GLU B 159 5.59 11.58 -18.40
C GLU B 159 5.22 10.41 -19.33
N LYS B 160 5.64 10.51 -20.58
CA LYS B 160 5.42 9.46 -21.58
C LYS B 160 6.12 8.15 -21.22
N LEU B 161 7.40 8.25 -20.87
CA LEU B 161 8.14 7.11 -20.35
C LEU B 161 7.34 6.41 -19.25
N ASP B 162 7.01 7.14 -18.20
CA ASP B 162 6.47 6.54 -17.00
C ASP B 162 5.06 5.99 -17.15
N ARG B 163 4.37 6.32 -18.25
CA ARG B 163 3.11 5.60 -18.57
C ARG B 163 3.46 4.15 -18.94
N LEU B 164 4.28 4.01 -19.99
CA LEU B 164 4.61 2.71 -20.54
C LEU B 164 5.27 1.86 -19.48
N LYS B 165 6.36 2.39 -18.89
CA LYS B 165 7.08 1.65 -17.86
C LYS B 165 6.12 1.19 -16.76
N ALA B 166 5.18 2.06 -16.40
CA ALA B 166 4.20 1.73 -15.37
C ALA B 166 2.87 1.31 -16.01
N ARG B 167 2.95 0.65 -17.17
CA ARG B 167 1.75 0.27 -17.92
C ARG B 167 0.98 -0.85 -17.21
N ALA B 168 -0.32 -0.92 -17.51
CA ALA B 168 -1.15 -2.03 -17.07
C ALA B 168 -2.19 -2.38 -18.16
N SER C 1 10.08 6.16 2.76
CA SER C 1 10.49 5.60 1.45
C SER C 1 9.81 4.25 1.20
N VAL C 2 9.51 3.99 -0.06
CA VAL C 2 9.08 2.67 -0.47
C VAL C 2 10.31 1.82 -0.82
N LEU C 3 10.36 0.64 -0.21
CA LEU C 3 11.50 -0.26 -0.34
C LEU C 3 11.15 -1.26 -1.42
N GLN C 4 12.17 -1.83 -2.05
CA GLN C 4 11.98 -2.91 -3.01
C GLN C 4 11.59 -4.21 -2.28
N VAL C 5 10.51 -4.82 -2.72
CA VAL C 5 10.12 -6.13 -2.22
C VAL C 5 10.76 -7.23 -3.06
N LEU C 6 11.47 -8.14 -2.41
CA LEU C 6 12.04 -9.31 -3.06
C LEU C 6 10.95 -10.28 -3.49
N HIS C 7 11.14 -10.89 -4.67
CA HIS C 7 10.25 -11.94 -5.17
C HIS C 7 11.01 -13.25 -5.23
N ILE C 8 10.28 -14.36 -5.27
CA ILE C 8 10.93 -15.65 -5.57
C ILE C 8 11.39 -15.60 -7.04
N PRO C 9 12.56 -16.18 -7.35
CA PRO C 9 13.28 -17.14 -6.52
C PRO C 9 14.44 -16.62 -5.68
N ASP C 10 14.36 -15.42 -5.12
CA ASP C 10 15.42 -14.92 -4.24
C ASP C 10 15.82 -15.80 -3.02
N GLU C 11 17.12 -16.06 -2.92
CA GLU C 11 17.71 -16.79 -1.80
C GLU C 11 17.66 -15.98 -0.49
N ARG C 12 17.41 -14.67 -0.60
CA ARG C 12 17.37 -13.85 0.60
C ARG C 12 16.04 -13.96 1.34
N LEU C 13 15.02 -14.46 0.63
CA LEU C 13 13.71 -14.78 1.21
C LEU C 13 13.77 -15.96 2.18
N ARG C 14 14.86 -16.75 2.10
CA ARG C 14 15.01 -17.94 2.92
C ARG C 14 15.92 -17.73 4.12
N LYS C 15 16.30 -16.49 4.38
CA LYS C 15 17.15 -16.16 5.53
C LYS C 15 16.32 -16.03 6.80
N VAL C 16 16.93 -16.44 7.91
CA VAL C 16 16.32 -16.41 9.23
C VAL C 16 16.68 -15.12 9.95
N ALA C 17 15.65 -14.34 10.30
CA ALA C 17 15.86 -12.98 10.83
C ALA C 17 16.44 -13.04 12.24
N LYS C 18 17.27 -12.07 12.58
CA LYS C 18 17.79 -11.90 13.94
C LYS C 18 16.85 -11.01 14.73
N PRO C 19 16.80 -11.19 16.05
CA PRO C 19 15.92 -10.31 16.85
C PRO C 19 16.46 -8.89 16.97
N VAL C 20 15.54 -7.93 17.05
CA VAL C 20 15.86 -6.52 17.27
C VAL C 20 16.48 -6.35 18.66
N GLU C 21 17.71 -5.84 18.67
CA GLU C 21 18.49 -5.63 19.90
C GLU C 21 17.88 -4.47 20.68
N GLU C 22 17.59 -3.37 19.98
CA GLU C 22 17.05 -2.18 20.62
C GLU C 22 16.10 -1.46 19.65
N VAL C 23 14.91 -1.13 20.12
CA VAL C 23 13.94 -0.40 19.33
C VAL C 23 14.25 1.08 19.46
N ASN C 24 15.06 1.57 18.54
CA ASN C 24 15.46 2.96 18.54
C ASN C 24 14.94 3.61 17.27
N ALA C 25 15.52 4.75 16.88
CA ALA C 25 14.99 5.53 15.78
C ALA C 25 15.34 4.97 14.41
N GLU C 26 16.46 4.26 14.32
CA GLU C 26 16.72 3.43 13.14
C GLU C 26 15.59 2.39 12.95
N ILE C 27 15.21 1.70 14.03
CA ILE C 27 14.14 0.70 13.96
C ILE C 27 12.80 1.34 13.58
N GLN C 28 12.57 2.54 14.05
CA GLN C 28 11.32 3.24 13.80
C GLN C 28 11.18 3.76 12.37
N ARG C 29 12.32 4.10 11.75
CA ARG C 29 12.30 4.41 10.32
C ARG C 29 12.03 3.19 9.46
N ILE C 30 12.58 2.03 9.84
CA ILE C 30 12.29 0.78 9.14
C ILE C 30 10.78 0.48 9.18
N VAL C 31 10.17 0.64 10.36
CA VAL C 31 8.74 0.40 10.56
C VAL C 31 7.95 1.31 9.64
N ASP C 32 8.29 2.59 9.66
CA ASP C 32 7.54 3.55 8.86
C ASP C 32 7.71 3.31 7.37
N ASP C 33 8.87 2.83 6.95
CA ASP C 33 9.08 2.54 5.53
C ASP C 33 8.30 1.29 5.09
N MET C 34 8.20 0.34 6.02
CA MET C 34 7.54 -0.93 5.81
C MET C 34 6.04 -0.75 5.69
N PHE C 35 5.47 0.16 6.48
CA PHE C 35 4.07 0.58 6.27
C PHE C 35 3.84 1.27 4.93
N GLU C 36 4.72 2.17 4.55
CA GLU C 36 4.65 2.83 3.25
C GLU C 36 4.69 1.82 2.11
N THR C 37 5.67 0.91 2.20
CA THR C 37 5.87 -0.12 1.19
C THR C 37 4.67 -1.06 1.11
N MET C 38 4.13 -1.43 2.28
CA MET C 38 2.98 -2.32 2.35
C MET C 38 1.75 -1.67 1.72
N TYR C 39 1.50 -0.42 2.07
CA TYR C 39 0.37 0.31 1.48
C TYR C 39 0.53 0.53 0.00
N ALA C 40 1.74 0.86 -0.44
CA ALA C 40 1.99 1.06 -1.88
C ALA C 40 1.73 -0.22 -2.68
N GLU C 41 1.97 -1.36 -2.05
CA GLU C 41 1.91 -2.64 -2.71
C GLU C 41 0.56 -3.28 -2.49
N GLU C 42 -0.30 -2.56 -1.77
CA GLU C 42 -1.64 -3.00 -1.37
C GLU C 42 -1.64 -4.31 -0.60
N GLY C 43 -0.83 -4.40 0.44
CA GLY C 43 -0.78 -5.63 1.21
C GLY C 43 -1.44 -5.43 2.56
N ILE C 44 -1.60 -6.52 3.30
CA ILE C 44 -2.19 -6.44 4.63
C ILE C 44 -1.16 -6.83 5.68
N GLY C 45 -0.02 -7.34 5.23
CA GLY C 45 1.10 -7.54 6.12
C GLY C 45 2.43 -7.43 5.37
N LEU C 46 3.49 -7.15 6.12
CA LEU C 46 4.82 -7.17 5.55
C LEU C 46 5.84 -7.48 6.61
N ALA C 47 6.74 -8.41 6.32
CA ALA C 47 7.86 -8.75 7.21
C ALA C 47 9.17 -8.11 6.67
N ALA C 48 10.06 -7.71 7.58
CA ALA C 48 11.32 -7.06 7.20
C ALA C 48 12.10 -7.86 6.17
N THR C 49 12.18 -9.17 6.36
CA THR C 49 12.95 -10.02 5.45
C THR C 49 12.55 -9.93 3.98
N GLN C 50 11.32 -9.53 3.69
CA GLN C 50 10.91 -9.29 2.31
C GLN C 50 11.53 -8.03 1.73
N VAL C 51 11.91 -7.10 2.60
CA VAL C 51 12.58 -5.88 2.15
C VAL C 51 14.11 -5.98 2.32
N ASP C 52 14.59 -7.23 2.40
CA ASP C 52 16.01 -7.50 2.61
C ASP C 52 16.55 -6.89 3.92
N ILE C 53 15.71 -6.83 4.96
CA ILE C 53 16.17 -6.46 6.27
C ILE C 53 15.91 -7.64 7.20
N HIS C 54 16.97 -8.21 7.75
CA HIS C 54 16.85 -9.49 8.42
C HIS C 54 16.80 -9.38 9.92
N GLN C 55 15.82 -8.62 10.38
CA GLN C 55 15.47 -8.56 11.80
C GLN C 55 13.99 -8.85 12.01
N ARG C 56 13.64 -9.16 13.24
CA ARG C 56 12.28 -9.59 13.57
C ARG C 56 11.29 -8.42 13.71
N ILE C 57 10.89 -7.93 12.54
CA ILE C 57 9.98 -6.80 12.42
C ILE C 57 8.90 -7.14 11.41
N ILE C 58 7.66 -6.96 11.82
CA ILE C 58 6.47 -7.20 10.97
C ILE C 58 5.53 -5.99 11.11
N VAL C 59 5.00 -5.48 10.00
CA VAL C 59 3.91 -4.50 10.07
C VAL C 59 2.63 -5.07 9.45
N ILE C 60 1.48 -4.72 10.03
CA ILE C 60 0.22 -5.30 9.62
C ILE C 60 -0.92 -4.30 9.62
N ASP C 61 -1.83 -4.49 8.66
CA ASP C 61 -3.12 -3.79 8.66
C ASP C 61 -4.17 -4.65 7.96
N VAL C 62 -5.00 -5.31 8.76
CA VAL C 62 -6.06 -6.15 8.21
C VAL C 62 -7.42 -5.47 8.22
N SER C 63 -7.45 -4.17 8.53
CA SER C 63 -8.71 -3.41 8.69
C SER C 63 -9.29 -3.03 7.35
N GLU C 64 -10.60 -2.79 7.31
CA GLU C 64 -11.33 -2.65 6.05
C GLU C 64 -11.12 -1.25 5.48
N ASN C 65 -10.87 -0.30 6.38
CA ASN C 65 -10.58 1.08 6.00
C ASN C 65 -9.08 1.41 5.84
N ARG C 66 -8.22 0.41 6.10
CA ARG C 66 -6.78 0.56 5.93
C ARG C 66 -6.26 1.67 6.82
N ASP C 67 -6.59 1.61 8.10
CA ASP C 67 -6.21 2.65 9.05
C ASP C 67 -6.06 2.13 10.48
N GLU C 68 -5.75 0.85 10.61
CA GLU C 68 -5.48 0.26 11.92
C GLU C 68 -4.12 -0.44 11.83
N ARG C 69 -3.06 0.32 12.10
CA ARG C 69 -1.70 -0.17 11.98
C ARG C 69 -1.24 -0.99 13.18
N LEU C 70 -0.64 -2.14 12.89
CA LEU C 70 -0.17 -3.05 13.92
C LEU C 70 1.29 -3.38 13.67
N VAL C 71 2.12 -3.19 14.69
CA VAL C 71 3.55 -3.53 14.62
C VAL C 71 3.88 -4.62 15.64
N LEU C 72 4.54 -5.67 15.16
CA LEU C 72 5.03 -6.74 16.02
C LEU C 72 6.52 -6.78 15.87
N ILE C 73 7.24 -6.48 16.95
CA ILE C 73 8.68 -6.57 16.93
C ILE C 73 9.06 -7.70 17.86
N ASN C 74 9.98 -8.54 17.41
CA ASN C 74 10.38 -9.75 18.15
C ASN C 74 9.18 -10.56 18.65
N PRO C 75 8.23 -10.90 17.76
CA PRO C 75 7.02 -11.60 18.19
C PRO C 75 7.33 -13.01 18.67
N GLU C 76 6.48 -13.50 19.55
CA GLU C 76 6.62 -14.84 20.08
C GLU C 76 5.22 -15.48 20.15
N LEU C 77 5.05 -16.67 19.56
CA LEU C 77 3.76 -17.36 19.63
C LEU C 77 3.59 -18.10 20.96
N LEU C 78 2.62 -17.67 21.74
CA LEU C 78 2.40 -18.25 23.06
C LEU C 78 1.49 -19.47 23.01
N GLU C 79 0.45 -19.42 22.18
CA GLU C 79 -0.56 -20.48 22.09
C GLU C 79 -1.21 -20.42 20.72
N LYS C 80 -1.64 -21.57 20.23
CA LYS C 80 -2.52 -21.60 19.09
C LYS C 80 -3.59 -22.68 19.23
N SER C 81 -4.71 -22.51 18.52
CA SER C 81 -5.70 -23.55 18.50
C SER C 81 -6.53 -23.51 17.24
N GLY C 82 -7.06 -24.66 16.85
CA GLY C 82 -7.97 -24.74 15.73
C GLY C 82 -7.24 -24.85 14.41
N GLU C 83 -8.00 -24.88 13.32
CA GLU C 83 -7.40 -24.83 12.00
C GLU C 83 -8.34 -24.13 11.01
N THR C 84 -7.76 -23.34 10.09
CA THR C 84 -8.51 -22.54 9.12
C THR C 84 -7.79 -22.50 7.80
N GLY C 85 -8.36 -21.75 6.87
CA GLY C 85 -7.61 -21.40 5.69
C GLY C 85 -8.36 -20.47 4.78
N ILE C 86 -7.65 -19.51 4.18
CA ILE C 86 -8.15 -18.74 3.04
C ILE C 86 -7.20 -18.82 1.85
N GLU C 87 -7.57 -18.20 0.74
CA GLU C 87 -6.70 -18.17 -0.43
C GLU C 87 -5.66 -17.05 -0.27
N GLU C 88 -4.49 -17.40 0.27
CA GLU C 88 -3.44 -16.43 0.56
C GLU C 88 -2.69 -15.98 -0.66
N GLY C 89 -2.37 -14.69 -0.68
CA GLY C 89 -1.35 -14.19 -1.55
C GLY C 89 -0.18 -13.61 -0.77
N CYS C 90 0.93 -13.40 -1.47
CA CYS C 90 2.17 -12.97 -0.86
C CYS C 90 2.74 -11.94 -1.82
N LEU C 91 3.19 -10.82 -1.28
CA LEU C 91 3.86 -9.81 -2.07
C LEU C 91 5.17 -10.28 -2.73
N SER C 92 5.86 -11.24 -2.12
CA SER C 92 7.08 -11.80 -2.72
C SER C 92 6.83 -12.95 -3.70
N ILE C 93 5.56 -13.36 -3.85
CA ILE C 93 5.12 -14.37 -4.82
C ILE C 93 3.96 -13.79 -5.66
N PRO C 94 4.28 -12.86 -6.59
CA PRO C 94 3.27 -12.02 -7.24
C PRO C 94 2.16 -12.77 -7.99
N GLU C 95 0.93 -12.41 -7.65
CA GLU C 95 -0.25 -12.88 -8.37
C GLU C 95 -0.67 -14.34 -8.18
N GLN C 96 0.03 -15.11 -7.35
CA GLN C 96 -0.41 -16.48 -7.06
C GLN C 96 -1.07 -16.59 -5.69
N ARG C 97 -2.23 -17.24 -5.63
CA ARG C 97 -2.93 -17.48 -4.38
C ARG C 97 -3.20 -18.95 -4.15
N ALA C 98 -3.20 -19.36 -2.89
CA ALA C 98 -3.50 -20.75 -2.55
C ALA C 98 -3.98 -20.83 -1.13
N LEU C 99 -4.92 -21.72 -0.88
CA LEU C 99 -5.41 -21.95 0.46
C LEU C 99 -4.31 -22.69 1.19
N VAL C 100 -3.94 -22.21 2.37
CA VAL C 100 -2.97 -22.96 3.17
C VAL C 100 -3.51 -23.18 4.57
N PRO C 101 -3.16 -24.31 5.20
CA PRO C 101 -3.63 -24.57 6.57
C PRO C 101 -2.95 -23.70 7.61
N ARG C 102 -3.79 -23.10 8.47
CA ARG C 102 -3.36 -22.21 9.53
C ARG C 102 -4.05 -22.57 10.82
N ALA C 103 -3.50 -22.13 11.94
CA ALA C 103 -4.21 -22.18 13.21
C ALA C 103 -5.28 -21.10 13.19
N GLU C 104 -6.42 -21.38 13.80
CA GLU C 104 -7.52 -20.45 13.73
C GLU C 104 -7.37 -19.33 14.77
N LYS C 105 -6.87 -19.68 15.94
CA LYS C 105 -6.64 -18.69 16.97
C LYS C 105 -5.20 -18.74 17.40
N VAL C 106 -4.68 -17.58 17.80
CA VAL C 106 -3.27 -17.41 18.05
C VAL C 106 -3.11 -16.35 19.15
N LYS C 107 -2.18 -16.61 20.08
CA LYS C 107 -1.86 -15.64 21.11
C LYS C 107 -0.37 -15.33 21.02
N ILE C 108 -0.05 -14.07 20.79
CA ILE C 108 1.34 -13.65 20.65
C ILE C 108 1.76 -12.61 21.69
N ARG C 109 3.05 -12.57 21.92
CA ARG C 109 3.70 -11.52 22.69
C ARG C 109 4.68 -10.81 21.73
N ALA C 110 4.58 -9.49 21.62
CA ALA C 110 5.51 -8.72 20.79
C ALA C 110 5.80 -7.37 21.43
N LEU C 111 6.75 -6.64 20.84
CA LEU C 111 7.01 -5.23 21.20
C LEU C 111 6.40 -4.34 20.15
N ASP C 112 5.92 -3.16 20.56
CA ASP C 112 5.38 -2.20 19.61
C ASP C 112 6.44 -1.23 19.10
N ARG C 113 6.02 -0.26 18.29
CA ARG C 113 6.91 0.79 17.78
C ARG C 113 7.78 1.47 18.84
N ASP C 114 7.29 1.55 20.07
CA ASP C 114 8.02 2.18 21.17
C ASP C 114 8.84 1.21 21.98
N GLY C 115 8.94 -0.02 21.51
CA GLY C 115 9.66 -1.03 22.26
C GLY C 115 8.97 -1.48 23.53
N LYS C 116 7.67 -1.20 23.66
CA LYS C 116 6.90 -1.67 24.80
C LYS C 116 6.18 -2.99 24.51
N PRO C 117 6.31 -3.99 25.40
CA PRO C 117 5.73 -5.32 25.23
C PRO C 117 4.21 -5.32 25.33
N PHE C 118 3.57 -6.12 24.47
CA PHE C 118 2.14 -6.36 24.55
C PHE C 118 1.80 -7.81 24.17
N GLU C 119 0.61 -8.25 24.56
CA GLU C 119 0.07 -9.54 24.16
C GLU C 119 -1.20 -9.37 23.34
N LEU C 120 -1.39 -10.25 22.37
CA LEU C 120 -2.50 -10.15 21.44
C LEU C 120 -3.09 -11.54 21.23
N GLU C 121 -4.36 -11.74 21.56
CA GLU C 121 -5.09 -12.93 21.11
C GLU C 121 -5.84 -12.55 19.84
N ALA C 122 -5.56 -13.25 18.76
CA ALA C 122 -6.14 -12.93 17.47
C ALA C 122 -6.88 -14.15 16.95
N ASP C 123 -7.95 -13.91 16.19
CA ASP C 123 -8.51 -14.95 15.32
C ASP C 123 -8.82 -14.34 13.98
N GLY C 124 -9.48 -15.11 13.11
CA GLY C 124 -9.89 -14.61 11.82
C GLY C 124 -8.71 -14.32 10.91
N LEU C 125 -8.91 -13.36 10.00
CA LEU C 125 -7.86 -12.86 9.10
C LEU C 125 -6.61 -12.39 9.84
N LEU C 126 -6.78 -11.74 10.97
CA LEU C 126 -5.63 -11.32 11.76
C LEU C 126 -4.75 -12.51 12.15
N ALA C 127 -5.35 -13.57 12.69
CA ALA C 127 -4.59 -14.78 13.05
C ALA C 127 -3.82 -15.37 11.88
N ILE C 128 -4.47 -15.45 10.73
CA ILE C 128 -3.85 -16.00 9.52
C ILE C 128 -2.66 -15.15 9.07
N CYS C 129 -2.86 -13.83 9.02
CA CYS C 129 -1.86 -12.88 8.53
C CYS C 129 -0.64 -12.81 9.44
N ILE C 130 -0.86 -12.88 10.74
CA ILE C 130 0.23 -12.99 11.69
C ILE C 130 1.12 -14.23 11.46
N GLN C 131 0.50 -15.34 11.08
CA GLN C 131 1.24 -16.59 10.85
C GLN C 131 2.04 -16.54 9.57
N HIS C 132 1.45 -15.95 8.54
CA HIS C 132 2.10 -15.81 7.25
C HIS C 132 3.36 -14.95 7.39
N GLU C 133 3.32 -13.96 8.28
CA GLU C 133 4.40 -13.00 8.43
C GLU C 133 5.49 -13.53 9.33
N MET C 134 5.09 -14.31 10.35
CA MET C 134 6.06 -14.93 11.23
C MET C 134 6.80 -16.06 10.53
N ASP C 135 6.13 -16.67 9.57
CA ASP C 135 6.81 -17.60 8.70
C ASP C 135 7.93 -16.93 7.92
N HIS C 136 7.66 -15.72 7.40
CA HIS C 136 8.63 -14.98 6.60
C HIS C 136 9.95 -14.86 7.33
N LEU C 137 9.87 -14.71 8.65
CA LEU C 137 11.02 -14.33 9.46
C LEU C 137 11.96 -15.50 9.71
N VAL C 138 11.47 -16.72 9.49
CA VAL C 138 12.31 -17.91 9.61
C VAL C 138 12.49 -18.55 8.22
N GLY C 139 12.25 -17.75 7.19
CA GLY C 139 12.51 -18.17 5.83
C GLY C 139 11.49 -19.09 5.20
N LYS C 140 10.24 -19.05 5.67
CA LYS C 140 9.17 -19.87 5.10
C LYS C 140 8.24 -19.05 4.20
N LEU C 141 7.81 -19.68 3.12
CA LEU C 141 6.83 -19.11 2.23
C LEU C 141 5.58 -20.00 2.22
N PHE C 142 4.41 -19.45 1.87
CA PHE C 142 3.16 -20.21 1.95
C PHE C 142 3.13 -21.39 0.99
N MET C 143 3.89 -21.27 -0.09
CA MET C 143 4.01 -22.32 -1.09
C MET C 143 4.77 -23.52 -0.55
N ASP C 144 5.45 -23.36 0.58
CA ASP C 144 6.16 -24.48 1.19
C ASP C 144 5.18 -25.53 1.73
N TYR C 145 3.92 -25.14 1.87
CA TYR C 145 2.89 -26.02 2.45
C TYR C 145 2.20 -26.88 1.39
N LEU C 146 2.48 -26.56 0.13
CA LEU C 146 1.81 -27.19 -0.99
C LEU C 146 2.66 -28.32 -1.56
N SER C 147 2.08 -29.10 -2.47
CA SER C 147 2.78 -30.23 -3.05
C SER C 147 3.91 -29.72 -3.91
N PRO C 148 4.90 -30.58 -4.22
CA PRO C 148 5.96 -30.34 -5.20
C PRO C 148 5.47 -29.87 -6.56
N LEU C 149 4.39 -30.49 -7.02
CA LEU C 149 3.77 -30.08 -8.27
C LEU C 149 3.21 -28.67 -8.18
N LYS C 150 2.44 -28.40 -7.14
CA LYS C 150 1.89 -27.05 -6.94
C LYS C 150 2.98 -25.98 -6.90
N GLN C 151 4.08 -26.30 -6.23
CA GLN C 151 5.17 -25.35 -6.04
C GLN C 151 5.90 -25.06 -7.33
N GLN C 152 6.25 -26.13 -8.05
CA GLN C 152 7.02 -26.01 -9.28
C GLN C 152 6.16 -25.28 -10.33
N ARG C 153 4.87 -25.57 -10.30
CA ARG C 153 3.91 -24.85 -11.12
C ARG C 153 3.78 -23.36 -10.72
N ILE C 154 3.92 -23.07 -9.42
CA ILE C 154 3.89 -21.69 -8.90
C ILE C 154 5.13 -20.93 -9.34
N ARG C 155 6.28 -21.58 -9.14
CA ARG C 155 7.60 -21.01 -9.44
C ARG C 155 7.71 -20.62 -10.89
N GLN C 156 7.17 -21.47 -11.77
CA GLN C 156 7.20 -21.23 -13.20
C GLN C 156 6.39 -19.99 -13.62
N LYS C 157 5.20 -19.84 -13.04
CA LYS C 157 4.39 -18.68 -13.37
C LYS C 157 4.98 -17.31 -12.97
N VAL C 158 5.49 -17.20 -11.74
CA VAL C 158 6.01 -15.92 -11.24
C VAL C 158 7.21 -15.45 -12.04
N GLU C 159 8.08 -16.40 -12.38
CA GLU C 159 9.23 -16.12 -13.23
C GLU C 159 8.78 -15.47 -14.55
N LYS C 160 7.68 -15.97 -15.07
CA LYS C 160 7.07 -15.43 -16.28
C LYS C 160 6.61 -13.98 -16.08
N LEU C 161 5.85 -13.73 -15.01
CA LEU C 161 5.49 -12.36 -14.64
C LEU C 161 6.68 -11.42 -14.74
N ASP C 162 7.69 -11.71 -13.92
CA ASP C 162 8.81 -10.80 -13.71
C ASP C 162 9.68 -10.72 -14.97
N ARG C 163 9.44 -11.71 -15.84
CA ARG C 163 10.03 -11.83 -17.17
C ARG C 163 9.33 -10.88 -18.16
N LEU C 164 8.07 -11.23 -18.51
CA LEU C 164 7.18 -10.36 -19.30
C LEU C 164 6.93 -9.00 -18.64
N LYS C 165 7.94 -8.45 -17.96
CA LYS C 165 7.87 -7.10 -17.41
C LYS C 165 9.19 -6.37 -17.60
N ALA C 166 10.19 -7.15 -18.00
CA ALA C 166 11.57 -6.68 -18.08
C ALA C 166 11.79 -5.75 -19.28
N ARG C 167 11.30 -4.53 -19.15
CA ARG C 167 11.62 -3.49 -20.11
C ARG C 167 12.32 -2.29 -19.37
N ALA C 168 13.64 -2.17 -19.57
CA ALA C 168 14.48 -1.09 -19.01
C ALA C 168 14.67 0.14 -19.94
N MET D 1 -30.60 -3.28 0.61
CA MET D 1 -31.66 -4.12 1.23
C MET D 1 -33.01 -3.75 0.64
N ALA D 2 -33.82 -4.76 0.39
CA ALA D 2 -35.25 -4.54 0.06
C ALA D 2 -36.11 -4.89 1.28
N SER D 3 -36.62 -3.87 1.97
CA SER D 3 -37.61 -4.17 3.02
C SER D 3 -39.02 -4.29 2.43
N MET E 1 23.76 12.23 -10.19
CA MET E 1 23.28 12.25 -11.60
C MET E 1 23.11 10.82 -12.14
N ALA E 2 22.87 10.71 -13.44
CA ALA E 2 22.88 9.41 -14.08
C ALA E 2 24.19 9.20 -14.81
N SER E 3 24.67 7.96 -14.75
CA SER E 3 25.83 7.55 -15.53
C SER E 3 25.54 7.90 -16.98
N MET F 1 1.07 -10.37 3.73
CA MET F 1 0.50 -11.09 2.57
C MET F 1 -0.28 -10.13 1.69
N ALA F 2 -1.00 -10.66 0.72
CA ALA F 2 -1.80 -9.83 -0.16
C ALA F 2 -3.29 -9.95 0.16
N SER F 3 -3.93 -8.78 0.21
CA SER F 3 -5.40 -8.59 0.16
C SER F 3 -6.32 -9.44 1.08
ZN ZN G . -28.55 -6.59 -0.28
S SO4 H . 12.56 12.68 6.70
O1 SO4 H . 13.79 12.20 7.38
O2 SO4 H . 11.56 12.96 7.75
O3 SO4 H . 12.03 11.69 5.74
O4 SO4 H . 12.82 13.91 5.95
S SO4 I . 20.07 -5.92 8.34
O1 SO4 I . 19.91 -7.31 7.83
O2 SO4 I . 19.49 -4.99 7.34
O3 SO4 I . 21.51 -5.65 8.51
O4 SO4 I . 19.42 -5.75 9.65
ZN ZN J . 19.89 14.40 -10.09
ZN ZN K . 4.19 -12.99 2.17
#